data_1ZLY
#
_entry.id   1ZLY
#
_cell.length_a   75.900
_cell.length_b   75.900
_cell.length_c   101.000
_cell.angle_alpha   90.00
_cell.angle_beta   90.00
_cell.angle_gamma   120.00
#
_symmetry.space_group_name_H-M   'P 32 2 1'
#
loop_
_entity.id
_entity.type
_entity.pdbx_description
1 polymer 'Phosphoribosylglycinamide formyltransferase'
2 non-polymer 5-O-phosphono-beta-D-ribofuranosylamine
3 non-polymer '4-[(4-{[(2-AMINO-4-OXO-3,4-DIHYDROQUINAZOLIN-6-YL)METHYL]AMINO}BENZOYL)AMINO]BUTANOIC ACID'
4 water water
#
_entity_poly.entity_id   1
_entity_poly.type   'polypeptide(L)'
_entity_poly.pdbx_seq_one_letter_code
;ARVAVLISGTGSNLQALIDSTREPNSSAQIDIVISNKAAVAGLDKAERAGIPTRVINHKLYKNRVEFDSAIDLVLEEFSI
DIVCLAGFMRILSGPFVQKWNGKMLNIHPSLLPSFKGSNAHEQALETGVTVTGCTVHFVAEDVDAGQIILQEAVPVKRGD
TVATLSERVKLAEHKIFPAALQLVASGTVQLGENGKICWVKEE
;
_entity_poly.pdbx_strand_id   A
#
# COMPACT_ATOMS: atom_id res chain seq x y z
N ALA A 1 -16.53 1.19 4.63
CA ALA A 1 -15.75 0.12 3.93
C ALA A 1 -14.80 -0.55 4.90
N ARG A 2 -14.75 -1.88 4.85
CA ARG A 2 -13.89 -2.66 5.72
C ARG A 2 -12.54 -2.81 5.04
N VAL A 3 -11.47 -2.51 5.76
CA VAL A 3 -10.12 -2.55 5.19
C VAL A 3 -9.12 -3.51 5.82
N ALA A 4 -8.29 -4.09 4.94
CA ALA A 4 -7.22 -4.99 5.36
C ALA A 4 -5.91 -4.34 4.90
N VAL A 5 -4.97 -4.19 5.84
CA VAL A 5 -3.66 -3.62 5.52
C VAL A 5 -2.62 -4.73 5.59
N LEU A 6 -1.86 -4.93 4.51
CA LEU A 6 -0.82 -5.96 4.48
C LEU A 6 0.54 -5.28 4.62
N ILE A 7 1.37 -5.79 5.52
CA ILE A 7 2.70 -5.21 5.75
C ILE A 7 3.85 -6.21 5.69
N SER A 8 5.05 -5.72 6.02
CA SER A 8 6.26 -6.53 6.01
C SER A 8 7.32 -5.98 6.95
N GLY A 9 7.12 -4.77 7.46
CA GLY A 9 8.11 -4.18 8.36
C GLY A 9 7.61 -3.23 9.44
N THR A 10 8.34 -2.12 9.61
CA THR A 10 8.03 -1.11 10.61
C THR A 10 6.58 -0.65 10.58
N GLY A 11 6.07 -0.39 9.37
CA GLY A 11 4.70 0.05 9.22
C GLY A 11 4.44 1.52 9.53
N SER A 12 5.22 2.42 8.93
CA SER A 12 5.03 3.83 9.17
C SER A 12 3.79 4.31 8.40
N ASN A 13 3.54 3.70 7.25
CA ASN A 13 2.36 4.06 6.45
C ASN A 13 1.11 3.46 7.11
N LEU A 14 1.27 2.32 7.77
CA LEU A 14 0.15 1.67 8.47
C LEU A 14 -0.34 2.59 9.57
N GLN A 15 0.58 3.16 10.34
CA GLN A 15 0.24 4.06 11.43
C GLN A 15 -0.52 5.27 10.90
N ALA A 16 -0.08 5.82 9.78
CA ALA A 16 -0.73 6.97 9.18
C ALA A 16 -2.17 6.60 8.83
N LEU A 17 -2.35 5.39 8.29
CA LEU A 17 -3.68 4.91 7.93
C LEU A 17 -4.53 4.67 9.20
N ILE A 18 -3.89 4.24 10.28
CA ILE A 18 -4.60 4.00 11.53
C ILE A 18 -5.13 5.32 12.07
N ASP A 19 -4.25 6.31 12.17
CA ASP A 19 -4.65 7.62 12.66
C ASP A 19 -5.74 8.24 11.81
N SER A 20 -5.64 8.07 10.50
CA SER A 20 -6.61 8.62 9.57
C SER A 20 -7.99 7.95 9.67
N THR A 21 -8.02 6.62 9.71
CA THR A 21 -9.28 5.91 9.78
C THR A 21 -9.94 5.99 11.16
N ARG A 22 -9.26 6.63 12.11
CA ARG A 22 -9.81 6.80 13.45
C ARG A 22 -10.61 8.09 13.54
N GLU A 23 -10.39 9.01 12.59
CA GLU A 23 -11.11 10.28 12.57
C GLU A 23 -12.61 10.01 12.35
N PRO A 24 -13.47 10.82 12.98
CA PRO A 24 -14.94 10.68 12.87
C PRO A 24 -15.50 10.58 11.45
N ASN A 25 -14.95 11.36 10.52
CA ASN A 25 -15.45 11.34 9.15
C ASN A 25 -14.85 10.28 8.23
N SER A 26 -14.02 9.40 8.77
CA SER A 26 -13.42 8.36 7.94
C SER A 26 -14.46 7.38 7.40
N SER A 27 -14.40 7.12 6.09
CA SER A 27 -15.32 6.18 5.46
C SER A 27 -14.72 4.78 5.47
N ALA A 28 -13.54 4.64 6.06
CA ALA A 28 -12.85 3.35 6.12
C ALA A 28 -12.54 2.94 7.55
N GLN A 29 -12.57 1.63 7.81
CA GLN A 29 -12.23 1.09 9.11
C GLN A 29 -11.22 -0.03 8.87
N ILE A 30 -10.13 -0.06 9.64
CA ILE A 30 -9.13 -1.11 9.48
C ILE A 30 -9.52 -2.24 10.42
N ASP A 31 -9.89 -3.39 9.83
CA ASP A 31 -10.33 -4.54 10.59
C ASP A 31 -9.31 -5.66 10.79
N ILE A 32 -8.30 -5.71 9.93
CA ILE A 32 -7.29 -6.74 10.02
C ILE A 32 -5.96 -6.29 9.40
N VAL A 33 -4.86 -6.64 10.07
CA VAL A 33 -3.52 -6.32 9.61
C VAL A 33 -2.76 -7.64 9.38
N ILE A 34 -2.33 -7.87 8.15
CA ILE A 34 -1.62 -9.09 7.78
C ILE A 34 -0.15 -8.83 7.43
N SER A 35 0.74 -9.63 8.01
CA SER A 35 2.17 -9.50 7.75
C SER A 35 2.73 -10.82 7.24
N ASN A 36 3.73 -10.75 6.36
CA ASN A 36 4.35 -11.95 5.81
C ASN A 36 5.57 -12.32 6.65
N LYS A 37 5.88 -11.43 7.60
CA LYS A 37 7.00 -11.62 8.52
C LYS A 37 6.42 -11.66 9.94
N ALA A 38 7.22 -12.06 10.92
CA ALA A 38 6.73 -12.17 12.29
C ALA A 38 7.27 -11.16 13.30
N ALA A 39 8.53 -10.79 13.18
CA ALA A 39 9.13 -9.84 14.12
C ALA A 39 9.09 -8.40 13.62
N VAL A 40 8.06 -8.05 12.86
CA VAL A 40 7.92 -6.70 12.32
C VAL A 40 7.27 -5.76 13.33
N ALA A 41 7.74 -4.52 13.35
CA ALA A 41 7.20 -3.51 14.26
C ALA A 41 5.79 -3.11 13.89
N GLY A 42 5.40 -3.41 12.65
CA GLY A 42 4.07 -3.07 12.19
C GLY A 42 2.99 -3.75 13.00
N LEU A 43 3.27 -4.97 13.45
CA LEU A 43 2.32 -5.74 14.24
C LEU A 43 2.04 -5.08 15.59
N ASP A 44 3.07 -4.52 16.21
CA ASP A 44 2.89 -3.86 17.49
C ASP A 44 1.95 -2.66 17.36
N LYS A 45 2.16 -1.86 16.33
CA LYS A 45 1.32 -0.68 16.11
C LYS A 45 -0.13 -1.12 15.92
N ALA A 46 -0.32 -2.23 15.19
CA ALA A 46 -1.65 -2.75 14.94
C ALA A 46 -2.30 -3.16 16.27
N GLU A 47 -1.59 -4.00 17.04
CA GLU A 47 -2.08 -4.47 18.34
C GLU A 47 -2.31 -3.30 19.29
N ARG A 48 -1.39 -2.34 19.29
CA ARG A 48 -1.50 -1.17 20.15
C ARG A 48 -2.75 -0.37 19.81
N ALA A 49 -3.27 -0.56 18.59
CA ALA A 49 -4.46 0.15 18.14
C ALA A 49 -5.69 -0.73 18.32
N GLY A 50 -5.48 -1.93 18.84
CA GLY A 50 -6.57 -2.86 19.05
C GLY A 50 -7.08 -3.48 17.77
N ILE A 51 -6.18 -3.69 16.81
CA ILE A 51 -6.55 -4.27 15.52
C ILE A 51 -6.06 -5.71 15.41
N PRO A 52 -6.98 -6.65 15.10
CA PRO A 52 -6.57 -8.05 14.96
C PRO A 52 -5.38 -8.19 14.04
N THR A 53 -4.39 -8.95 14.48
CA THR A 53 -3.18 -9.17 13.70
C THR A 53 -3.15 -10.62 13.24
N ARG A 54 -2.49 -10.86 12.10
CA ARG A 54 -2.41 -12.21 11.57
C ARG A 54 -1.23 -12.31 10.59
N VAL A 55 -0.32 -13.24 10.86
CA VAL A 55 0.87 -13.41 10.02
C VAL A 55 0.89 -14.71 9.24
N ILE A 56 1.33 -14.63 7.99
CA ILE A 56 1.43 -15.78 7.10
C ILE A 56 2.86 -15.88 6.56
N ASN A 57 3.46 -17.06 6.69
CA ASN A 57 4.83 -17.29 6.23
C ASN A 57 4.80 -18.20 4.99
N HIS A 58 5.95 -18.31 4.32
CA HIS A 58 6.05 -19.16 3.13
C HIS A 58 6.56 -20.54 3.50
N LYS A 59 7.58 -20.58 4.35
CA LYS A 59 8.16 -21.84 4.80
C LYS A 59 7.12 -22.61 5.61
N LEU A 60 5.90 -22.09 5.65
CA LEU A 60 4.83 -22.74 6.40
C LEU A 60 3.79 -23.46 5.55
N TYR A 61 4.07 -23.61 4.26
CA TYR A 61 3.13 -24.33 3.40
C TYR A 61 3.66 -24.74 2.02
N LYS A 62 3.05 -24.21 0.97
CA LYS A 62 3.45 -24.56 -0.39
C LYS A 62 4.02 -23.41 -1.20
N ASN A 63 3.85 -23.47 -2.52
CA ASN A 63 4.34 -22.43 -3.42
C ASN A 63 3.47 -21.19 -3.37
N ARG A 64 3.63 -20.34 -4.38
CA ARG A 64 2.86 -19.10 -4.49
C ARG A 64 1.80 -19.26 -5.56
N VAL A 65 0.58 -18.88 -5.17
CA VAL A 65 -0.66 -18.95 -5.95
C VAL A 65 -1.54 -19.63 -4.91
N GLU A 66 -0.87 -20.04 -3.84
CA GLU A 66 -1.48 -20.70 -2.70
C GLU A 66 -1.26 -19.78 -1.51
N PHE A 67 -0.13 -19.08 -1.53
CA PHE A 67 0.21 -18.15 -0.46
C PHE A 67 -0.83 -17.05 -0.41
N ASP A 68 -1.28 -16.62 -1.59
CA ASP A 68 -2.29 -15.58 -1.70
C ASP A 68 -3.64 -16.11 -1.26
N SER A 69 -3.84 -17.42 -1.42
CA SER A 69 -5.08 -18.07 -1.02
C SER A 69 -5.22 -18.01 0.50
N ALA A 70 -4.10 -18.20 1.20
CA ALA A 70 -4.10 -18.15 2.66
C ALA A 70 -4.48 -16.74 3.10
N ILE A 71 -3.99 -15.74 2.35
CA ILE A 71 -4.28 -14.35 2.63
C ILE A 71 -5.76 -14.11 2.36
N ASP A 72 -6.18 -14.45 1.14
CA ASP A 72 -7.57 -14.27 0.71
C ASP A 72 -8.56 -14.93 1.66
N LEU A 73 -8.11 -15.96 2.37
CA LEU A 73 -8.98 -16.66 3.30
C LEU A 73 -9.32 -15.72 4.44
N VAL A 74 -8.29 -15.13 5.04
CA VAL A 74 -8.49 -14.18 6.14
C VAL A 74 -9.27 -12.97 5.64
N LEU A 75 -9.11 -12.63 4.36
CA LEU A 75 -9.81 -11.51 3.78
C LEU A 75 -11.32 -11.78 3.79
N GLU A 76 -11.71 -12.95 3.30
CA GLU A 76 -13.12 -13.34 3.30
C GLU A 76 -13.59 -13.47 4.74
N GLU A 77 -12.71 -13.97 5.59
CA GLU A 77 -13.03 -14.17 7.00
C GLU A 77 -13.51 -12.87 7.64
N PHE A 78 -12.78 -11.78 7.41
CA PHE A 78 -13.15 -10.50 7.98
C PHE A 78 -14.02 -9.63 7.07
N SER A 79 -14.63 -10.25 6.06
CA SER A 79 -15.50 -9.54 5.13
C SER A 79 -14.89 -8.22 4.66
N ILE A 80 -13.69 -8.29 4.09
CA ILE A 80 -12.97 -7.12 3.60
C ILE A 80 -13.46 -6.57 2.25
N ASP A 81 -13.51 -5.24 2.14
CA ASP A 81 -13.93 -4.56 0.92
C ASP A 81 -12.74 -3.97 0.15
N ILE A 82 -11.75 -3.48 0.89
CA ILE A 82 -10.58 -2.86 0.31
C ILE A 82 -9.27 -3.38 0.92
N VAL A 83 -8.26 -3.57 0.07
CA VAL A 83 -6.95 -4.03 0.51
C VAL A 83 -5.89 -2.95 0.27
N CYS A 84 -5.12 -2.62 1.30
CA CYS A 84 -4.05 -1.64 1.19
C CYS A 84 -2.69 -2.30 1.39
N LEU A 85 -1.84 -2.22 0.37
CA LEU A 85 -0.49 -2.77 0.46
C LEU A 85 0.39 -1.66 1.06
N ALA A 86 0.86 -1.85 2.29
CA ALA A 86 1.68 -0.85 2.96
C ALA A 86 3.10 -1.37 3.24
N GLY A 87 3.91 -1.47 2.19
CA GLY A 87 5.27 -1.95 2.33
C GLY A 87 5.31 -3.47 2.31
N PHE A 88 4.42 -4.07 1.54
CA PHE A 88 4.32 -5.51 1.43
C PHE A 88 5.35 -6.03 0.42
N MET A 89 6.36 -6.74 0.92
CA MET A 89 7.41 -7.29 0.07
C MET A 89 7.05 -8.67 -0.48
N ARG A 90 6.08 -8.73 -1.38
CA ARG A 90 5.64 -9.97 -1.99
C ARG A 90 4.71 -9.71 -3.16
N ILE A 91 5.17 -10.02 -4.37
CA ILE A 91 4.34 -9.81 -5.55
C ILE A 91 3.19 -10.79 -5.55
N LEU A 92 1.97 -10.28 -5.70
CA LEU A 92 0.77 -11.12 -5.71
C LEU A 92 0.53 -11.75 -7.08
N SER A 93 -0.08 -12.93 -7.08
CA SER A 93 -0.36 -13.67 -8.30
C SER A 93 -1.51 -13.08 -9.11
N GLY A 94 -1.55 -13.45 -10.38
CA GLY A 94 -2.59 -12.98 -11.27
C GLY A 94 -4.01 -13.20 -10.79
N PRO A 95 -4.33 -14.41 -10.28
CA PRO A 95 -5.69 -14.67 -9.79
C PRO A 95 -6.10 -13.72 -8.66
N PHE A 96 -5.22 -13.56 -7.68
CA PHE A 96 -5.51 -12.69 -6.54
C PHE A 96 -5.71 -11.26 -7.03
N VAL A 97 -4.76 -10.74 -7.79
CA VAL A 97 -4.85 -9.39 -8.33
C VAL A 97 -6.14 -9.25 -9.13
N GLN A 98 -6.57 -10.34 -9.74
CA GLN A 98 -7.79 -10.34 -10.54
C GLN A 98 -9.03 -10.23 -9.65
N LYS A 99 -9.05 -11.01 -8.57
CA LYS A 99 -10.19 -11.00 -7.67
C LYS A 99 -10.42 -9.63 -7.01
N TRP A 100 -9.33 -9.04 -6.53
CA TRP A 100 -9.41 -7.74 -5.88
C TRP A 100 -9.15 -6.56 -6.81
N ASN A 101 -9.40 -6.74 -8.10
CA ASN A 101 -9.16 -5.68 -9.07
C ASN A 101 -10.06 -4.48 -8.82
N GLY A 102 -9.45 -3.31 -8.62
CA GLY A 102 -10.21 -2.11 -8.37
C GLY A 102 -10.53 -1.94 -6.89
N LYS A 103 -10.00 -2.84 -6.06
CA LYS A 103 -10.24 -2.82 -4.62
C LYS A 103 -8.95 -2.95 -3.83
N MET A 104 -7.81 -2.87 -4.51
CA MET A 104 -6.53 -2.96 -3.82
C MET A 104 -5.63 -1.79 -4.19
N LEU A 105 -5.09 -1.12 -3.17
CA LEU A 105 -4.24 0.04 -3.39
C LEU A 105 -2.81 -0.21 -2.93
N ASN A 106 -1.87 0.52 -3.53
CA ASN A 106 -0.47 0.41 -3.18
C ASN A 106 0.19 1.79 -3.15
N ILE A 107 1.14 1.98 -2.25
CA ILE A 107 1.89 3.23 -2.14
C ILE A 107 3.29 2.93 -2.68
N HIS A 108 3.77 3.73 -3.63
CA HIS A 108 5.10 3.53 -4.21
C HIS A 108 5.92 4.82 -4.11
N PRO A 109 7.17 4.72 -3.61
CA PRO A 109 8.06 5.88 -3.44
C PRO A 109 8.68 6.54 -4.68
N SER A 110 7.87 6.84 -5.70
CA SER A 110 8.36 7.54 -6.89
C SER A 110 7.15 8.08 -7.65
N LEU A 111 7.38 8.98 -8.59
CA LEU A 111 6.33 9.53 -9.45
C LEU A 111 6.30 8.49 -10.56
N LEU A 112 5.50 7.46 -10.32
CA LEU A 112 5.31 6.23 -11.11
C LEU A 112 5.59 5.88 -12.55
N PRO A 113 5.39 6.76 -13.54
CA PRO A 113 5.84 5.88 -14.62
C PRO A 113 7.34 5.61 -14.40
N SER A 114 8.04 6.56 -13.80
CA SER A 114 9.47 6.42 -13.52
C SER A 114 9.81 5.57 -12.30
N PHE A 115 10.96 4.91 -12.37
CA PHE A 115 11.49 4.11 -11.27
C PHE A 115 10.59 3.04 -10.65
N LYS A 116 10.11 2.10 -11.47
CA LYS A 116 9.28 1.02 -10.96
C LYS A 116 10.26 0.08 -10.24
N GLY A 117 9.77 -0.75 -9.33
CA GLY A 117 10.67 -1.65 -8.64
C GLY A 117 10.80 -1.40 -7.16
N SER A 118 11.59 -2.23 -6.47
CA SER A 118 11.77 -2.12 -5.02
C SER A 118 12.86 -1.18 -4.52
N ASN A 119 13.64 -0.59 -5.43
CA ASN A 119 14.72 0.32 -5.05
C ASN A 119 14.56 1.65 -5.79
N ALA A 120 13.37 2.24 -5.71
CA ALA A 120 13.11 3.50 -6.40
C ALA A 120 14.04 4.64 -6.03
N HIS A 121 14.37 4.79 -4.75
CA HIS A 121 15.24 5.88 -4.34
C HIS A 121 16.65 5.77 -4.91
N GLU A 122 17.21 4.56 -4.91
CA GLU A 122 18.55 4.36 -5.45
C GLU A 122 18.54 4.72 -6.93
N GLN A 123 17.45 4.36 -7.61
CA GLN A 123 17.29 4.65 -9.04
C GLN A 123 17.23 6.16 -9.25
N ALA A 124 16.42 6.85 -8.44
CA ALA A 124 16.27 8.30 -8.55
C ALA A 124 17.61 9.00 -8.38
N LEU A 125 18.33 8.63 -7.33
CA LEU A 125 19.63 9.22 -7.05
C LEU A 125 20.63 8.90 -8.18
N GLU A 126 20.65 7.66 -8.63
CA GLU A 126 21.54 7.26 -9.72
C GLU A 126 21.22 8.03 -10.99
N THR A 127 19.94 8.26 -11.26
CA THR A 127 19.51 8.97 -12.46
C THR A 127 19.77 10.48 -12.39
N GLY A 128 19.84 11.03 -11.18
CA GLY A 128 20.12 12.45 -11.02
C GLY A 128 18.95 13.42 -11.07
N VAL A 129 17.73 12.94 -10.88
CA VAL A 129 16.56 13.83 -10.91
C VAL A 129 16.62 14.79 -9.73
N THR A 130 16.05 15.98 -9.88
CA THR A 130 16.03 16.94 -8.78
C THR A 130 14.64 16.94 -8.15
N VAL A 131 13.73 16.19 -8.76
CA VAL A 131 12.37 16.06 -8.26
C VAL A 131 11.90 14.60 -8.35
N THR A 132 11.45 14.04 -7.23
CA THR A 132 10.91 12.69 -7.25
C THR A 132 9.59 12.82 -6.48
N GLY A 133 9.13 11.75 -5.83
CA GLY A 133 7.89 11.82 -5.09
C GLY A 133 7.32 10.44 -4.80
N CYS A 134 6.01 10.36 -4.60
CA CYS A 134 5.36 9.08 -4.32
C CYS A 134 4.02 8.96 -5.04
N THR A 135 3.56 7.72 -5.18
CA THR A 135 2.32 7.44 -5.91
C THR A 135 1.43 6.40 -5.25
N VAL A 136 0.12 6.66 -5.24
CA VAL A 136 -0.83 5.69 -4.72
C VAL A 136 -1.60 5.28 -5.97
N HIS A 137 -1.68 3.99 -6.23
CA HIS A 137 -2.36 3.50 -7.43
C HIS A 137 -3.06 2.18 -7.17
N PHE A 138 -3.99 1.83 -8.07
CA PHE A 138 -4.70 0.57 -7.97
C PHE A 138 -3.70 -0.52 -8.40
N VAL A 139 -3.67 -1.64 -7.70
CA VAL A 139 -2.75 -2.72 -8.04
C VAL A 139 -3.23 -3.51 -9.25
N ALA A 140 -2.41 -3.53 -10.29
CA ALA A 140 -2.72 -4.27 -11.51
C ALA A 140 -1.82 -5.49 -11.54
N GLU A 141 -2.03 -6.39 -12.50
CA GLU A 141 -1.22 -7.59 -12.57
C GLU A 141 0.24 -7.22 -12.83
N ASP A 142 0.47 -6.26 -13.73
CA ASP A 142 1.83 -5.84 -14.03
C ASP A 142 2.30 -4.87 -12.95
N VAL A 143 3.34 -5.27 -12.22
CA VAL A 143 3.90 -4.49 -11.13
C VAL A 143 4.03 -2.98 -11.36
N ASP A 144 3.62 -2.21 -10.34
CA ASP A 144 3.67 -0.75 -10.36
C ASP A 144 3.19 -0.13 -11.66
N ALA A 145 2.09 -0.65 -12.21
CA ALA A 145 1.55 -0.13 -13.46
C ALA A 145 0.05 0.11 -13.44
N GLY A 146 -0.59 -0.12 -12.28
CA GLY A 146 -2.02 0.09 -12.18
C GLY A 146 -2.40 1.56 -12.33
N GLN A 147 -3.70 1.85 -12.41
CA GLN A 147 -4.15 3.23 -12.55
C GLN A 147 -3.82 4.09 -11.33
N ILE A 148 -3.33 5.28 -11.61
CA ILE A 148 -2.91 6.23 -10.58
C ILE A 148 -4.06 6.97 -9.90
N ILE A 149 -4.02 7.04 -8.58
CA ILE A 149 -5.06 7.72 -7.82
C ILE A 149 -4.55 9.11 -7.40
N LEU A 150 -3.46 9.15 -6.64
CA LEU A 150 -2.87 10.43 -6.21
C LEU A 150 -1.35 10.37 -6.29
N GLN A 151 -0.73 11.54 -6.40
CA GLN A 151 0.72 11.65 -6.45
C GLN A 151 1.14 12.94 -5.78
N GLU A 152 2.36 12.97 -5.25
CA GLU A 152 2.87 14.19 -4.64
C GLU A 152 4.37 14.28 -4.91
N ALA A 153 4.80 15.43 -5.43
CA ALA A 153 6.20 15.66 -5.74
C ALA A 153 6.99 16.05 -4.50
N VAL A 154 8.24 15.60 -4.45
CA VAL A 154 9.16 15.86 -3.35
C VAL A 154 10.53 16.18 -3.94
N PRO A 155 11.16 17.28 -3.48
CA PRO A 155 12.48 17.65 -4.00
C PRO A 155 13.63 16.75 -3.55
N VAL A 156 14.64 16.62 -4.41
CA VAL A 156 15.84 15.86 -4.05
C VAL A 156 16.89 16.94 -3.78
N LYS A 157 17.56 16.85 -2.63
CA LYS A 157 18.59 17.83 -2.27
C LYS A 157 19.97 17.29 -2.64
N ARG A 158 20.90 18.17 -2.99
CA ARG A 158 22.25 17.73 -3.31
C ARG A 158 22.83 17.05 -2.07
N GLY A 159 23.46 15.90 -2.27
CA GLY A 159 24.03 15.19 -1.14
C GLY A 159 23.06 14.21 -0.49
N ASP A 160 21.87 14.08 -1.09
CA ASP A 160 20.87 13.16 -0.54
C ASP A 160 21.34 11.70 -0.63
N THR A 161 20.88 10.89 0.31
CA THR A 161 21.18 9.46 0.34
C THR A 161 19.82 8.78 0.45
N VAL A 162 19.78 7.47 0.30
CA VAL A 162 18.52 6.74 0.42
C VAL A 162 17.90 7.10 1.78
N ALA A 163 18.72 7.22 2.80
CA ALA A 163 18.23 7.54 4.14
C ALA A 163 17.54 8.92 4.23
N THR A 164 18.19 9.97 3.73
CA THR A 164 17.58 11.31 3.82
C THR A 164 16.43 11.51 2.85
N LEU A 165 16.54 10.96 1.63
CA LEU A 165 15.47 11.10 0.65
C LEU A 165 14.21 10.32 1.04
N SER A 166 14.37 9.09 1.49
CA SER A 166 13.22 8.28 1.89
C SER A 166 12.49 8.91 3.07
N GLU A 167 13.23 9.59 3.94
CA GLU A 167 12.64 10.26 5.08
C GLU A 167 11.76 11.42 4.60
N ARG A 168 12.24 12.17 3.61
CA ARG A 168 11.47 13.29 3.08
C ARG A 168 10.25 12.79 2.32
N VAL A 169 10.42 11.74 1.53
CA VAL A 169 9.32 11.20 0.75
C VAL A 169 8.24 10.56 1.64
N LYS A 170 8.64 9.96 2.76
CA LYS A 170 7.69 9.33 3.68
C LYS A 170 6.67 10.35 4.21
N LEU A 171 7.11 11.58 4.41
CA LEU A 171 6.20 12.62 4.88
C LEU A 171 5.06 12.82 3.87
N ALA A 172 5.36 12.70 2.58
CA ALA A 172 4.34 12.86 1.55
C ALA A 172 3.46 11.61 1.48
N GLU A 173 4.08 10.45 1.69
CA GLU A 173 3.34 9.20 1.66
C GLU A 173 2.29 9.16 2.77
N HIS A 174 2.63 9.71 3.92
CA HIS A 174 1.71 9.73 5.06
C HIS A 174 0.53 10.64 4.83
N LYS A 175 0.60 11.47 3.79
CA LYS A 175 -0.49 12.37 3.45
C LYS A 175 -1.39 11.79 2.36
N ILE A 176 -0.82 11.38 1.22
CA ILE A 176 -1.65 10.86 0.14
C ILE A 176 -2.21 9.44 0.29
N PHE A 177 -1.53 8.55 1.00
CA PHE A 177 -2.08 7.20 1.15
C PHE A 177 -3.42 7.29 1.89
N PRO A 178 -3.45 7.96 3.07
CA PRO A 178 -4.71 8.08 3.81
C PRO A 178 -5.77 8.80 2.97
N ALA A 179 -5.36 9.86 2.27
CA ALA A 179 -6.30 10.61 1.44
C ALA A 179 -6.85 9.73 0.31
N ALA A 180 -5.98 8.93 -0.30
CA ALA A 180 -6.39 8.05 -1.39
C ALA A 180 -7.34 6.95 -0.88
N LEU A 181 -7.08 6.43 0.31
CA LEU A 181 -7.94 5.40 0.88
C LEU A 181 -9.34 5.98 1.12
N GLN A 182 -9.38 7.21 1.64
CA GLN A 182 -10.66 7.86 1.89
C GLN A 182 -11.44 8.07 0.58
N LEU A 183 -10.75 8.46 -0.49
CA LEU A 183 -11.42 8.67 -1.78
C LEU A 183 -12.08 7.39 -2.30
N VAL A 184 -11.38 6.26 -2.16
CA VAL A 184 -11.91 4.99 -2.64
C VAL A 184 -12.98 4.42 -1.71
N ALA A 185 -12.73 4.47 -0.41
CA ALA A 185 -13.69 3.97 0.57
C ALA A 185 -15.02 4.74 0.53
N SER A 186 -14.95 6.02 0.19
CA SER A 186 -16.16 6.84 0.14
C SER A 186 -16.87 6.72 -1.20
N GLY A 187 -16.25 6.05 -2.16
CA GLY A 187 -16.86 5.90 -3.47
C GLY A 187 -16.62 7.08 -4.41
N THR A 188 -15.83 8.04 -3.98
CA THR A 188 -15.55 9.22 -4.81
C THR A 188 -14.71 8.86 -6.03
N VAL A 189 -13.85 7.86 -5.87
CA VAL A 189 -13.00 7.40 -6.95
C VAL A 189 -13.12 5.88 -7.12
N GLN A 190 -13.25 5.43 -8.36
CA GLN A 190 -13.32 4.00 -8.64
C GLN A 190 -12.59 3.69 -9.92
N LEU A 191 -12.16 2.44 -10.07
CA LEU A 191 -11.41 2.01 -11.25
C LEU A 191 -12.17 2.27 -12.55
N GLY A 192 -13.47 2.51 -12.44
CA GLY A 192 -14.29 2.80 -13.61
C GLY A 192 -14.56 1.59 -14.49
N GLU A 193 -14.92 1.86 -15.75
CA GLU A 193 -15.22 0.80 -16.70
C GLU A 193 -14.21 0.78 -17.86
N ASN A 194 -13.76 1.97 -18.26
CA ASN A 194 -12.80 2.08 -19.35
C ASN A 194 -11.38 1.85 -18.85
N GLY A 195 -11.25 1.28 -17.65
CA GLY A 195 -9.95 1.00 -17.09
C GLY A 195 -9.29 2.17 -16.38
N LYS A 196 -9.62 3.39 -16.78
CA LYS A 196 -9.02 4.59 -16.18
C LYS A 196 -9.79 5.08 -14.96
N ILE A 197 -9.10 5.82 -14.08
CA ILE A 197 -9.70 6.35 -12.87
C ILE A 197 -10.95 7.17 -13.18
N CYS A 198 -11.94 7.08 -12.29
CA CYS A 198 -13.19 7.80 -12.47
C CYS A 198 -13.56 8.57 -11.19
N TRP A 199 -13.81 9.87 -11.35
CA TRP A 199 -14.17 10.73 -10.21
C TRP A 199 -15.65 11.10 -10.26
N VAL A 200 -16.48 10.37 -9.51
CA VAL A 200 -17.91 10.65 -9.46
C VAL A 200 -18.18 12.00 -8.78
#